data_8DW4
#
_entry.id   8DW4
#
_cell.length_a   37.640
_cell.length_b   85.550
_cell.length_c   141.170
_cell.angle_alpha   90.000
_cell.angle_beta   90.000
_cell.angle_gamma   90.000
#
_symmetry.space_group_name_H-M   'P 21 21 21'
#
loop_
_entity.id
_entity.type
_entity.pdbx_description
1 polymer 'Adenine DNA glycosylase'
2 polymer "DNA (5'-D(*AP*AP*GP*AP*CP*(8OG)P*TP*GP*GP*AP*C)-3')"
3 polymer "DNA (5'-D(P*GP*TP*CP*CP*AP*(AAB)P*GP*TP*CP*T)-3')"
4 non-polymer 'IRON/SULFUR CLUSTER'
5 non-polymer 'ACETATE ION'
6 non-polymer 'SODIUM ION'
7 water water
#
loop_
_entity_poly.entity_id
_entity_poly.type
_entity_poly.pdbx_seq_one_letter_code
_entity_poly.pdbx_strand_id
1 'polypeptide(L)'
;MTRETERFPAREFQRDLLDWFARERRDLPWRKDRDPYKVWVSEVMLQQTRVETVIPYFEQFIDRFPTLEALADADEDEVL
KAWEGLGYYSRVRNLHAAVKEVKTRYGGKVPDDPDEFSRLKGVGPYTVGAVLSLAYGVPEPAVDGSVMRVLSRLFLVTDD
IAKPSTRKRFEQIVREIMAYENPGAFNEALIELGALVCTPRRPSCLLCPVQAYCQAFAEGVAEELPVKMKKTAVKQVPLA
VAVLADDEGRVLIRKRDSTGLLANLWEFPSCETDGADGKEKLEQMVGEQYGLQVELTEPIVSFEHAFSHLVWQLTVFPGR
LVHGGPVEEPYRLAPEDELKAYAFPVSHQRVWREYKEWASGVRRP
;
A
2 'polydeoxyribonucleotide' (DA)(DA)(DG)(DA)(DC)(8OG)(DT)(DG)(DG)(DA)(DC) B
3 'polydeoxyribonucleotide' (DT)(DG)(DT)(DC)(DC)(DA)(AAB)(DG)(DT)(DC)(DT) C
#
loop_
_chem_comp.id
_chem_comp.type
_chem_comp.name
_chem_comp.formula
8OG DNA linking 8-OXO-2'-DEOXY-GUANOSINE-5'-MONOPHOSPHATE 'C10 H14 N5 O8 P'
AAB DNA linking 2'-DEOXY-RIBOFURANOSE-5'-MONOPHOSPHATE 'C5 H11 O7 P'
ACT non-polymer 'ACETATE ION' 'C2 H3 O2 -1'
DA DNA linking 2'-DEOXYADENOSINE-5'-MONOPHOSPHATE 'C10 H14 N5 O6 P'
DC DNA linking 2'-DEOXYCYTIDINE-5'-MONOPHOSPHATE 'C9 H14 N3 O7 P'
DG DNA linking 2'-DEOXYGUANOSINE-5'-MONOPHOSPHATE 'C10 H14 N5 O7 P'
DT DNA linking THYMIDINE-5'-MONOPHOSPHATE 'C10 H15 N2 O8 P'
NA non-polymer 'SODIUM ION' 'Na 1'
SF4 non-polymer 'IRON/SULFUR CLUSTER' 'Fe4 S4'
#
# COMPACT_ATOMS: atom_id res chain seq x y z
N ARG A 7 -18.90 -27.11 16.27
CA ARG A 7 -20.22 -27.49 15.76
C ARG A 7 -20.44 -26.92 14.37
N PHE A 8 -19.38 -26.91 13.56
CA PHE A 8 -19.44 -26.37 12.21
C PHE A 8 -19.39 -27.50 11.19
N PRO A 9 -20.29 -27.53 10.20
CA PRO A 9 -20.17 -28.55 9.15
C PRO A 9 -19.03 -28.21 8.21
N ALA A 10 -17.80 -28.40 8.71
CA ALA A 10 -16.63 -27.81 8.06
C ALA A 10 -16.48 -28.31 6.64
N ARG A 11 -16.60 -29.63 6.42
CA ARG A 11 -16.40 -30.17 5.09
C ARG A 11 -17.44 -29.62 4.11
N GLU A 12 -18.70 -29.51 4.54
CA GLU A 12 -19.73 -28.98 3.66
C GLU A 12 -19.40 -27.55 3.25
N PHE A 13 -18.98 -26.72 4.21
CA PHE A 13 -18.57 -25.35 3.90
C PHE A 13 -17.32 -25.34 3.02
N GLN A 14 -16.32 -26.16 3.36
CA GLN A 14 -15.09 -26.18 2.58
C GLN A 14 -15.36 -26.55 1.13
N ARG A 15 -16.15 -27.61 0.92
CA ARG A 15 -16.39 -28.09 -0.44
C ARG A 15 -17.09 -27.04 -1.28
N ASP A 16 -18.10 -26.38 -0.72
CA ASP A 16 -18.83 -25.36 -1.46
C ASP A 16 -17.94 -24.15 -1.76
N LEU A 17 -17.12 -23.73 -0.79
CA LEU A 17 -16.24 -22.58 -1.00
C LEU A 17 -15.16 -22.90 -2.03
N LEU A 18 -14.46 -24.03 -1.85
CA LEU A 18 -13.36 -24.36 -2.75
C LEU A 18 -13.86 -24.67 -4.16
N ASP A 19 -14.99 -25.35 -4.28
CA ASP A 19 -15.56 -25.62 -5.60
C ASP A 19 -15.97 -24.32 -6.29
N TRP A 20 -16.58 -23.40 -5.53
CA TRP A 20 -16.99 -22.12 -6.09
C TRP A 20 -15.77 -21.31 -6.53
N PHE A 21 -14.66 -21.43 -5.79
CA PHE A 21 -13.47 -20.65 -6.13
C PHE A 21 -12.89 -21.07 -7.47
N ALA A 22 -12.90 -22.37 -7.77
CA ALA A 22 -12.35 -22.85 -9.03
C ALA A 22 -13.17 -22.31 -10.21
N ARG A 23 -14.48 -22.18 -10.04
CA ARG A 23 -15.32 -21.69 -11.13
C ARG A 23 -15.16 -20.18 -11.33
N GLU A 24 -15.08 -19.42 -10.23
CA GLU A 24 -15.15 -17.97 -10.29
C GLU A 24 -13.78 -17.28 -10.15
N ARG A 25 -12.71 -18.04 -9.94
CA ARG A 25 -11.39 -17.47 -9.75
C ARG A 25 -11.03 -16.50 -10.89
N ARG A 26 -10.73 -15.25 -10.53
CA ARG A 26 -10.27 -14.29 -11.51
C ARG A 26 -8.84 -14.58 -11.92
N ASP A 27 -8.57 -14.49 -13.23
CA ASP A 27 -7.23 -14.77 -13.76
C ASP A 27 -6.35 -13.53 -13.56
N LEU A 28 -5.97 -13.31 -12.31
CA LEU A 28 -5.15 -12.17 -11.96
C LEU A 28 -3.68 -12.43 -12.28
N PRO A 29 -2.90 -11.37 -12.52
CA PRO A 29 -1.50 -11.58 -12.96
C PRO A 29 -0.65 -12.37 -11.99
N TRP A 30 -0.73 -12.08 -10.70
CA TRP A 30 0.04 -12.82 -9.71
C TRP A 30 -0.46 -14.24 -9.52
N ARG A 31 -1.60 -14.59 -10.12
CA ARG A 31 -2.13 -15.94 -10.03
C ARG A 31 -1.69 -16.82 -11.19
N LYS A 32 -0.85 -16.31 -12.10
CA LYS A 32 -0.32 -17.17 -13.16
C LYS A 32 0.50 -18.32 -12.60
N ASP A 33 1.15 -18.12 -11.45
CA ASP A 33 1.93 -19.18 -10.83
C ASP A 33 1.90 -18.99 -9.31
N ARG A 34 2.67 -19.81 -8.60
CA ARG A 34 2.79 -19.76 -7.15
C ARG A 34 4.22 -19.47 -6.72
N ASP A 35 4.92 -18.64 -7.48
CA ASP A 35 6.27 -18.23 -7.12
C ASP A 35 6.22 -17.32 -5.89
N PRO A 36 6.97 -17.63 -4.82
CA PRO A 36 6.88 -16.78 -3.62
C PRO A 36 7.22 -15.32 -3.85
N TYR A 37 8.26 -15.03 -4.63
CA TYR A 37 8.63 -13.63 -4.85
C TYR A 37 7.47 -12.86 -5.46
N LYS A 38 6.86 -13.43 -6.50
CA LYS A 38 5.76 -12.75 -7.17
C LYS A 38 4.52 -12.72 -6.28
N VAL A 39 4.29 -13.80 -5.52
CA VAL A 39 3.23 -13.78 -4.51
C VAL A 39 3.55 -12.73 -3.46
N TRP A 40 4.80 -12.68 -3.01
CA TRP A 40 5.19 -11.72 -1.97
C TRP A 40 5.02 -10.29 -2.46
N VAL A 41 5.41 -10.01 -3.71
CA VAL A 41 5.27 -8.67 -4.25
C VAL A 41 3.80 -8.27 -4.33
N SER A 42 2.96 -9.14 -4.89
CA SER A 42 1.55 -8.81 -5.03
C SER A 42 0.90 -8.60 -3.67
N GLU A 43 1.21 -9.47 -2.70
CA GLU A 43 0.55 -9.37 -1.41
C GLU A 43 0.89 -8.06 -0.70
N VAL A 44 2.15 -7.62 -0.80
CA VAL A 44 2.52 -6.34 -0.21
C VAL A 44 1.78 -5.20 -0.92
N MET A 45 1.78 -5.22 -2.25
CA MET A 45 1.11 -4.18 -3.01
C MET A 45 -0.36 -4.09 -2.65
N LEU A 46 -1.01 -5.25 -2.46
CA LEU A 46 -2.45 -5.29 -2.22
C LEU A 46 -2.83 -4.79 -0.83
N GLN A 47 -1.87 -4.53 0.04
CA GLN A 47 -2.17 -4.02 1.38
C GLN A 47 -2.80 -2.63 1.29
N GLN A 48 -4.06 -2.54 1.74
CA GLN A 48 -4.83 -1.30 1.72
CA GLN A 48 -4.83 -1.30 1.71
C GLN A 48 -4.96 -0.73 0.31
N THR A 49 -4.84 -1.55 -0.72
CA THR A 49 -4.89 -1.08 -2.09
C THR A 49 -5.77 -1.99 -2.92
N ARG A 50 -6.67 -1.40 -3.72
CA ARG A 50 -7.60 -2.18 -4.52
C ARG A 50 -6.85 -2.96 -5.60
N VAL A 51 -7.38 -4.14 -5.91
CA VAL A 51 -6.79 -4.98 -6.96
C VAL A 51 -6.58 -4.18 -8.24
N GLU A 52 -7.64 -3.52 -8.72
CA GLU A 52 -7.56 -2.81 -9.98
C GLU A 52 -6.45 -1.76 -9.96
N THR A 53 -6.17 -1.18 -8.79
CA THR A 53 -5.08 -0.24 -8.68
C THR A 53 -3.73 -0.93 -8.83
N VAL A 54 -3.60 -2.14 -8.28
CA VAL A 54 -2.30 -2.80 -8.20
C VAL A 54 -1.87 -3.38 -9.55
N ILE A 55 -2.81 -3.91 -10.34
CA ILE A 55 -2.43 -4.75 -11.48
C ILE A 55 -1.35 -4.08 -12.33
N PRO A 56 -1.50 -2.82 -12.76
CA PRO A 56 -0.44 -2.21 -13.57
C PRO A 56 0.87 -2.00 -12.83
N TYR A 57 0.83 -1.61 -11.55
CA TYR A 57 2.07 -1.48 -10.79
C TYR A 57 2.79 -2.81 -10.71
N PHE A 58 2.04 -3.90 -10.47
CA PHE A 58 2.65 -5.21 -10.38
C PHE A 58 3.34 -5.59 -11.69
N GLU A 59 2.72 -5.27 -12.82
CA GLU A 59 3.27 -5.66 -14.11
C GLU A 59 4.56 -4.87 -14.43
N GLN A 60 4.53 -3.56 -14.23
CA GLN A 60 5.76 -2.78 -14.43
C GLN A 60 6.83 -3.21 -13.44
N PHE A 61 6.44 -3.39 -12.19
CA PHE A 61 7.40 -3.74 -11.14
C PHE A 61 8.09 -5.05 -11.45
N ILE A 62 7.31 -6.09 -11.75
CA ILE A 62 7.86 -7.41 -12.02
C ILE A 62 8.69 -7.40 -13.29
N ASP A 63 8.34 -6.56 -14.26
CA ASP A 63 9.17 -6.42 -15.46
C ASP A 63 10.52 -5.81 -15.12
N ARG A 64 10.53 -4.79 -14.25
CA ARG A 64 11.80 -4.19 -13.84
C ARG A 64 12.57 -5.09 -12.88
N PHE A 65 11.87 -5.86 -12.06
CA PHE A 65 12.48 -6.68 -11.00
C PHE A 65 11.92 -8.09 -11.08
N PRO A 66 12.34 -8.86 -12.08
CA PRO A 66 11.68 -10.16 -12.34
C PRO A 66 11.97 -11.24 -11.30
N THR A 67 13.03 -11.10 -10.50
CA THR A 67 13.38 -12.10 -9.51
C THR A 67 13.70 -11.42 -8.20
N LEU A 68 13.68 -12.21 -7.11
CA LEU A 68 14.05 -11.66 -5.81
C LEU A 68 15.42 -11.01 -5.88
N GLU A 69 16.38 -11.64 -6.55
CA GLU A 69 17.72 -11.10 -6.62
C GLU A 69 17.76 -9.79 -7.38
N ALA A 70 16.96 -9.67 -8.44
CA ALA A 70 16.90 -8.42 -9.19
C ALA A 70 16.45 -7.28 -8.29
N LEU A 71 15.45 -7.52 -7.44
CA LEU A 71 14.95 -6.49 -6.55
C LEU A 71 15.99 -6.12 -5.50
N ALA A 72 16.60 -7.14 -4.88
CA ALA A 72 17.62 -6.87 -3.86
C ALA A 72 18.79 -6.10 -4.45
N ASP A 73 19.19 -6.46 -5.68
CA ASP A 73 20.35 -5.85 -6.33
C ASP A 73 20.08 -4.45 -6.87
N ALA A 74 18.85 -3.96 -6.77
CA ALA A 74 18.48 -2.68 -7.38
C ALA A 74 18.74 -1.52 -6.42
N ASP A 75 18.90 -0.33 -7.01
CA ASP A 75 19.08 0.87 -6.22
C ASP A 75 17.79 1.23 -5.48
N GLU A 76 17.95 1.87 -4.32
CA GLU A 76 16.79 2.23 -3.51
C GLU A 76 15.84 3.16 -4.25
N ASP A 77 16.40 4.10 -5.02
CA ASP A 77 15.57 5.05 -5.75
C ASP A 77 14.89 4.40 -6.96
N GLU A 78 15.45 3.32 -7.50
CA GLU A 78 14.82 2.63 -8.62
C GLU A 78 13.54 1.93 -8.17
N VAL A 79 13.55 1.35 -6.97
CA VAL A 79 12.36 0.68 -6.46
C VAL A 79 11.29 1.69 -6.09
N LEU A 80 11.70 2.83 -5.52
CA LEU A 80 10.73 3.86 -5.11
C LEU A 80 10.00 4.42 -6.32
N LYS A 81 10.71 4.61 -7.44
CA LYS A 81 10.05 5.08 -8.66
C LYS A 81 9.01 4.07 -9.14
N ALA A 82 9.32 2.78 -9.04
CA ALA A 82 8.36 1.76 -9.47
C ALA A 82 7.12 1.76 -8.58
N TRP A 83 7.26 2.20 -7.34
CA TRP A 83 6.17 2.29 -6.38
C TRP A 83 5.52 3.66 -6.36
N GLU A 84 5.94 4.55 -7.26
CA GLU A 84 5.53 5.95 -7.20
C GLU A 84 4.03 6.08 -7.45
N GLY A 85 3.33 6.65 -6.48
CA GLY A 85 1.89 6.86 -6.58
C GLY A 85 1.05 5.74 -6.02
N LEU A 86 1.66 4.61 -5.65
CA LEU A 86 0.90 3.49 -5.11
C LEU A 86 0.46 3.76 -3.67
N GLY A 87 1.31 4.38 -2.87
CA GLY A 87 0.99 4.76 -1.51
C GLY A 87 1.71 3.88 -0.49
N TYR A 88 1.65 4.34 0.75
CA TYR A 88 2.27 3.65 1.89
C TYR A 88 3.66 3.14 1.51
N TYR A 89 4.54 4.10 1.21
CA TYR A 89 5.83 3.80 0.61
C TYR A 89 6.77 3.06 1.55
N SER A 90 6.53 3.10 2.87
CA SER A 90 7.34 2.27 3.76
C SER A 90 7.22 0.81 3.37
N ARG A 91 6.10 0.41 2.76
CA ARG A 91 5.92 -0.96 2.32
C ARG A 91 7.06 -1.40 1.41
N VAL A 92 7.37 -0.60 0.39
CA VAL A 92 8.38 -1.00 -0.58
C VAL A 92 9.77 -0.93 0.04
N ARG A 93 10.02 0.08 0.87
CA ARG A 93 11.31 0.16 1.54
C ARG A 93 11.52 -1.05 2.44
N ASN A 94 10.49 -1.46 3.17
CA ASN A 94 10.58 -2.66 4.00
C ASN A 94 10.76 -3.90 3.13
N LEU A 95 10.03 -3.99 2.03
CA LEU A 95 10.17 -5.13 1.12
C LEU A 95 11.56 -5.18 0.50
N HIS A 96 12.08 -4.03 0.08
CA HIS A 96 13.41 -4.00 -0.54
C HIS A 96 14.46 -4.50 0.45
N ALA A 97 14.35 -4.10 1.71
CA ALA A 97 15.23 -4.64 2.74
C ALA A 97 14.99 -6.14 2.95
N ALA A 98 13.73 -6.55 2.97
CA ALA A 98 13.41 -7.95 3.29
C ALA A 98 14.00 -8.89 2.24
N VAL A 99 13.90 -8.55 0.96
CA VAL A 99 14.46 -9.42 -0.06
C VAL A 99 15.99 -9.44 0.04
N LYS A 100 16.60 -8.32 0.41
CA LYS A 100 18.04 -8.30 0.60
C LYS A 100 18.46 -9.29 1.68
N GLU A 101 17.70 -9.34 2.79
CA GLU A 101 17.97 -10.33 3.83
C GLU A 101 17.80 -11.75 3.29
N VAL A 102 16.74 -11.98 2.49
CA VAL A 102 16.50 -13.31 1.97
C VAL A 102 17.64 -13.75 1.07
N LYS A 103 18.20 -12.81 0.30
CA LYS A 103 19.32 -13.13 -0.57
C LYS A 103 20.55 -13.53 0.25
N THR A 104 20.87 -12.77 1.29
CA THR A 104 22.06 -13.05 2.08
C THR A 104 21.81 -14.18 3.08
N ARG A 105 20.78 -14.05 3.92
CA ARG A 105 20.56 -15.01 4.99
C ARG A 105 20.10 -16.36 4.44
N TYR A 106 19.11 -16.37 3.57
CA TYR A 106 18.50 -17.61 3.09
C TYR A 106 18.89 -17.96 1.66
N GLY A 107 19.81 -17.21 1.05
CA GLY A 107 20.31 -17.54 -0.26
C GLY A 107 19.44 -17.15 -1.43
N GLY A 108 18.34 -16.44 -1.18
CA GLY A 108 17.39 -16.10 -2.22
C GLY A 108 16.14 -16.95 -2.21
N LYS A 109 16.11 -18.03 -1.45
CA LYS A 109 14.89 -18.82 -1.28
C LYS A 109 14.08 -18.22 -0.16
N VAL A 110 12.85 -17.82 -0.47
CA VAL A 110 11.98 -17.22 0.55
C VAL A 110 11.76 -18.25 1.65
N PRO A 111 11.95 -17.89 2.92
CA PRO A 111 11.73 -18.86 4.00
C PRO A 111 10.36 -19.49 3.90
N ASP A 112 10.30 -20.80 4.18
CA ASP A 112 9.04 -21.51 4.29
C ASP A 112 8.58 -21.65 5.74
N ASP A 113 9.38 -21.18 6.70
CA ASP A 113 9.04 -21.29 8.11
C ASP A 113 8.32 -20.02 8.57
N PRO A 114 7.08 -20.10 9.04
CA PRO A 114 6.37 -18.88 9.49
C PRO A 114 7.20 -17.96 10.36
N ASP A 115 7.83 -18.49 11.42
CA ASP A 115 8.61 -17.64 12.30
C ASP A 115 9.77 -16.98 11.55
N GLU A 116 10.38 -17.71 10.61
CA GLU A 116 11.51 -17.16 9.86
C GLU A 116 11.05 -16.06 8.91
N PHE A 117 9.94 -16.30 8.19
CA PHE A 117 9.41 -15.31 7.27
C PHE A 117 8.86 -14.10 8.03
N SER A 118 8.18 -14.34 9.15
CA SER A 118 7.63 -13.26 9.96
C SER A 118 8.72 -12.40 10.59
N ARG A 119 9.96 -12.87 10.62
CA ARG A 119 11.07 -12.07 11.10
C ARG A 119 11.42 -10.94 10.12
N LEU A 120 11.07 -11.12 8.84
CA LEU A 120 11.43 -10.15 7.81
C LEU A 120 10.57 -8.89 7.90
N LYS A 121 11.14 -7.78 7.47
CA LYS A 121 10.49 -6.48 7.58
C LYS A 121 9.28 -6.37 6.66
N GLY A 122 8.26 -5.65 7.12
CA GLY A 122 7.05 -5.47 6.36
C GLY A 122 6.17 -6.69 6.29
N VAL A 123 6.59 -7.80 6.87
CA VAL A 123 5.85 -9.05 6.83
C VAL A 123 5.18 -9.23 8.19
N GLY A 124 3.85 -9.24 8.18
CA GLY A 124 3.08 -9.48 9.38
C GLY A 124 2.21 -10.71 9.24
N PRO A 125 1.26 -10.88 10.17
CA PRO A 125 0.48 -12.13 10.20
C PRO A 125 -0.22 -12.46 8.89
N TYR A 126 -0.85 -11.49 8.23
CA TYR A 126 -1.54 -11.79 6.98
C TYR A 126 -0.55 -12.27 5.93
N THR A 127 0.55 -11.54 5.77
CA THR A 127 1.49 -11.82 4.70
C THR A 127 2.15 -13.19 4.90
N VAL A 128 2.49 -13.54 6.14
CA VAL A 128 3.00 -14.89 6.41
C VAL A 128 1.98 -15.92 5.95
N GLY A 129 0.73 -15.76 6.35
CA GLY A 129 -0.30 -16.70 5.93
C GLY A 129 -0.48 -16.70 4.42
N ALA A 130 -0.58 -15.52 3.82
CA ALA A 130 -0.87 -15.43 2.40
C ALA A 130 0.25 -16.04 1.57
N VAL A 131 1.47 -15.54 1.75
CA VAL A 131 2.59 -15.97 0.91
C VAL A 131 2.88 -17.44 1.14
N LEU A 132 2.95 -17.87 2.40
CA LEU A 132 3.37 -19.24 2.69
C LEU A 132 2.27 -20.25 2.37
N SER A 133 0.99 -19.86 2.53
CA SER A 133 -0.08 -20.79 2.21
C SER A 133 -0.19 -21.01 0.71
N LEU A 134 0.01 -19.96 -0.08
CA LEU A 134 -0.16 -20.06 -1.53
C LEU A 134 1.09 -20.63 -2.19
N ALA A 135 2.26 -20.09 -1.85
CA ALA A 135 3.49 -20.47 -2.55
C ALA A 135 4.05 -21.80 -2.07
N TYR A 136 3.97 -22.07 -0.76
CA TYR A 136 4.60 -23.25 -0.18
C TYR A 136 3.62 -24.20 0.48
N GLY A 137 2.35 -23.83 0.64
CA GLY A 137 1.38 -24.72 1.24
C GLY A 137 1.31 -24.68 2.76
N VAL A 138 2.10 -23.84 3.42
CA VAL A 138 2.04 -23.80 4.89
C VAL A 138 0.63 -23.44 5.33
N PRO A 139 -0.01 -24.20 6.22
CA PRO A 139 -1.39 -23.86 6.60
C PRO A 139 -1.46 -22.82 7.73
N GLU A 140 -1.04 -21.59 7.41
CA GLU A 140 -1.14 -20.43 8.27
C GLU A 140 -2.31 -19.57 7.84
N PRO A 141 -3.17 -19.11 8.75
CA PRO A 141 -4.32 -18.30 8.32
C PRO A 141 -3.85 -17.01 7.66
N ALA A 142 -4.62 -16.55 6.67
CA ALA A 142 -4.36 -15.30 5.96
C ALA A 142 -5.60 -14.44 6.12
N VAL A 143 -5.68 -13.73 7.25
CA VAL A 143 -6.85 -12.95 7.61
C VAL A 143 -6.52 -11.49 7.36
N ASP A 144 -7.06 -10.93 6.28
CA ASP A 144 -7.01 -9.50 6.03
C ASP A 144 -8.33 -8.88 6.47
N GLY A 145 -8.53 -7.61 6.13
CA GLY A 145 -9.80 -6.96 6.45
C GLY A 145 -10.98 -7.63 5.79
N SER A 146 -10.80 -8.12 4.56
CA SER A 146 -11.89 -8.78 3.85
C SER A 146 -12.29 -10.08 4.54
N VAL A 147 -11.32 -10.90 4.94
CA VAL A 147 -11.63 -12.16 5.59
C VAL A 147 -12.33 -11.90 6.92
N MET A 148 -11.83 -10.93 7.69
CA MET A 148 -12.47 -10.59 8.95
C MET A 148 -13.94 -10.24 8.76
N ARG A 149 -14.27 -9.59 7.65
CA ARG A 149 -15.68 -9.33 7.35
C ARG A 149 -16.42 -10.63 7.02
N VAL A 150 -15.80 -11.50 6.23
CA VAL A 150 -16.44 -12.75 5.87
C VAL A 150 -16.67 -13.60 7.12
N LEU A 151 -15.64 -13.74 7.95
CA LEU A 151 -15.77 -14.57 9.15
C LEU A 151 -16.71 -13.94 10.17
N SER A 152 -16.73 -12.61 10.27
CA SER A 152 -17.65 -11.96 11.20
C SER A 152 -19.10 -12.16 10.81
N ARG A 153 -19.37 -12.52 9.55
CA ARG A 153 -20.71 -12.82 9.08
C ARG A 153 -21.02 -14.31 9.11
N LEU A 154 -20.06 -15.15 8.71
CA LEU A 154 -20.28 -16.59 8.79
C LEU A 154 -20.53 -17.05 10.22
N PHE A 155 -19.94 -16.36 11.21
CA PHE A 155 -20.01 -16.79 12.60
C PHE A 155 -20.60 -15.72 13.53
N LEU A 156 -21.21 -14.67 12.99
CA LEU A 156 -21.90 -13.64 13.78
C LEU A 156 -21.05 -13.15 14.95
N VAL A 157 -19.88 -12.60 14.62
CA VAL A 157 -18.98 -12.04 15.63
C VAL A 157 -19.15 -10.53 15.65
N THR A 158 -19.41 -9.99 16.85
CA THR A 158 -19.60 -8.56 17.05
C THR A 158 -18.34 -7.85 17.52
N ASP A 159 -17.24 -8.56 17.72
CA ASP A 159 -16.02 -7.92 18.19
C ASP A 159 -15.57 -6.85 17.20
N ASP A 160 -14.95 -5.80 17.72
CA ASP A 160 -14.40 -4.76 16.86
C ASP A 160 -13.21 -5.33 16.11
N ILE A 161 -13.27 -5.34 14.78
CA ILE A 161 -12.23 -5.95 13.98
C ILE A 161 -10.97 -5.10 14.02
N ALA A 162 -11.03 -3.97 14.74
CA ALA A 162 -9.86 -3.11 14.87
C ALA A 162 -8.86 -3.64 15.90
N LYS A 163 -9.34 -4.07 17.07
CA LYS A 163 -8.43 -4.57 18.08
C LYS A 163 -7.62 -5.72 17.47
N PRO A 164 -6.30 -5.78 17.68
CA PRO A 164 -5.55 -6.93 17.16
C PRO A 164 -6.11 -8.24 17.69
N SER A 165 -6.68 -8.22 18.90
CA SER A 165 -7.22 -9.44 19.49
C SER A 165 -8.38 -10.01 18.68
N THR A 166 -9.25 -9.14 18.18
CA THR A 166 -10.37 -9.62 17.37
C THR A 166 -9.87 -10.39 16.16
N ARG A 167 -8.83 -9.89 15.51
CA ARG A 167 -8.18 -10.63 14.43
C ARG A 167 -7.69 -11.99 14.92
N LYS A 168 -7.09 -12.01 16.12
CA LYS A 168 -6.53 -13.26 16.62
C LYS A 168 -7.60 -14.34 16.74
N ARG A 169 -8.81 -13.96 17.16
CA ARG A 169 -9.92 -14.90 17.24
C ARG A 169 -10.26 -15.45 15.86
N PHE A 170 -10.36 -14.57 14.87
CA PHE A 170 -10.68 -15.00 13.51
C PHE A 170 -9.63 -15.96 12.98
N GLU A 171 -8.36 -15.69 13.27
CA GLU A 171 -7.30 -16.59 12.85
C GLU A 171 -7.47 -17.97 13.48
N GLN A 172 -7.81 -18.01 14.77
CA GLN A 172 -8.06 -19.29 15.42
C GLN A 172 -9.28 -19.97 14.82
N ILE A 173 -10.27 -19.19 14.39
CA ILE A 173 -11.42 -19.77 13.69
C ILE A 173 -10.97 -20.42 12.39
N VAL A 174 -10.10 -19.74 11.63
CA VAL A 174 -9.62 -20.30 10.38
C VAL A 174 -8.89 -21.61 10.63
N ARG A 175 -8.09 -21.67 11.69
CA ARG A 175 -7.38 -22.91 12.00
C ARG A 175 -8.33 -24.09 12.07
N GLU A 176 -9.49 -23.92 12.70
CA GLU A 176 -10.38 -25.06 12.86
C GLU A 176 -11.20 -25.35 11.62
N ILE A 177 -11.65 -24.31 10.89
CA ILE A 177 -12.44 -24.54 9.69
C ILE A 177 -11.58 -24.72 8.45
N MET A 178 -10.28 -24.45 8.53
CA MET A 178 -9.42 -24.56 7.37
C MET A 178 -9.56 -25.92 6.72
N ALA A 179 -9.34 -25.96 5.40
CA ALA A 179 -9.09 -27.22 4.70
C ALA A 179 -7.58 -27.40 4.67
N TYR A 180 -7.04 -28.00 5.73
CA TYR A 180 -5.62 -28.29 5.75
C TYR A 180 -5.19 -29.10 4.54
N GLU A 181 -6.15 -29.71 3.85
CA GLU A 181 -5.86 -30.42 2.60
C GLU A 181 -5.20 -29.49 1.59
N ASN A 182 -5.87 -28.38 1.25
CA ASN A 182 -5.32 -27.38 0.32
C ASN A 182 -5.43 -26.01 0.99
N PRO A 183 -4.55 -25.72 1.95
CA PRO A 183 -4.66 -24.44 2.67
C PRO A 183 -4.55 -23.23 1.78
N GLY A 184 -3.62 -23.25 0.82
CA GLY A 184 -3.47 -22.11 -0.06
C GLY A 184 -4.73 -21.80 -0.83
N ALA A 185 -5.35 -22.83 -1.40
CA ALA A 185 -6.61 -22.64 -2.12
C ALA A 185 -7.74 -22.26 -1.16
N PHE A 186 -7.73 -22.79 0.05
CA PHE A 186 -8.74 -22.41 1.03
C PHE A 186 -8.61 -20.92 1.38
N ASN A 187 -7.39 -20.48 1.67
CA ASN A 187 -7.19 -19.08 2.07
C ASN A 187 -7.60 -18.12 0.97
N GLU A 188 -7.14 -18.36 -0.27
CA GLU A 188 -7.49 -17.43 -1.34
C GLU A 188 -8.95 -17.51 -1.73
N ALA A 189 -9.63 -18.61 -1.36
CA ALA A 189 -11.08 -18.67 -1.60
C ALA A 189 -11.83 -17.70 -0.69
N LEU A 190 -11.43 -17.60 0.58
CA LEU A 190 -12.04 -16.63 1.47
C LEU A 190 -11.83 -15.21 0.97
N ILE A 191 -10.60 -14.89 0.55
CA ILE A 191 -10.30 -13.56 0.06
C ILE A 191 -11.08 -13.27 -1.22
N GLU A 192 -11.15 -14.25 -2.12
CA GLU A 192 -11.92 -14.06 -3.34
C GLU A 192 -13.41 -13.98 -3.03
N LEU A 193 -13.88 -14.77 -2.06
CA LEU A 193 -15.27 -14.65 -1.64
C LEU A 193 -15.54 -13.26 -1.08
N GLY A 194 -14.64 -12.74 -0.25
CA GLY A 194 -14.81 -11.41 0.27
C GLY A 194 -14.77 -10.34 -0.81
N ALA A 195 -13.97 -10.55 -1.84
CA ALA A 195 -13.87 -9.57 -2.92
C ALA A 195 -15.08 -9.59 -3.84
N LEU A 196 -15.63 -10.77 -4.12
CA LEU A 196 -16.63 -10.92 -5.16
C LEU A 196 -18.06 -11.10 -4.64
N VAL A 197 -18.25 -11.69 -3.46
CA VAL A 197 -19.57 -12.10 -3.02
C VAL A 197 -19.96 -11.40 -1.73
N CYS A 198 -19.21 -11.66 -0.66
CA CYS A 198 -19.48 -11.07 0.64
C CYS A 198 -18.95 -9.64 0.67
N THR A 199 -19.54 -8.81 -0.17
CA THR A 199 -19.02 -7.49 -0.41
C THR A 199 -19.24 -6.61 0.82
N PRO A 200 -18.43 -5.55 0.97
CA PRO A 200 -18.58 -4.70 2.16
C PRO A 200 -19.98 -4.16 2.33
N ARG A 201 -20.63 -3.76 1.24
CA ARG A 201 -21.99 -3.27 1.26
C ARG A 201 -22.81 -3.99 0.19
N ARG A 202 -24.10 -4.19 0.48
CA ARG A 202 -25.02 -4.91 -0.39
C ARG A 202 -24.48 -6.30 -0.72
N PRO A 203 -24.11 -7.10 0.29
CA PRO A 203 -23.61 -8.46 0.01
C PRO A 203 -24.64 -9.29 -0.74
N SER A 204 -24.14 -10.07 -1.71
CA SER A 204 -25.00 -10.91 -2.55
C SER A 204 -25.04 -12.31 -1.94
N CYS A 205 -25.84 -12.44 -0.87
CA CYS A 205 -25.89 -13.67 -0.10
C CYS A 205 -26.68 -14.77 -0.80
N LEU A 206 -27.51 -14.43 -1.78
CA LEU A 206 -28.24 -15.46 -2.51
C LEU A 206 -27.33 -16.22 -3.46
N LEU A 207 -26.30 -15.55 -3.98
CA LEU A 207 -25.29 -16.16 -4.83
C LEU A 207 -24.17 -16.82 -4.03
N CYS A 208 -24.19 -16.70 -2.72
CA CYS A 208 -23.08 -17.14 -1.90
C CYS A 208 -23.02 -18.66 -1.84
N PRO A 209 -21.86 -19.28 -2.10
CA PRO A 209 -21.76 -20.74 -1.98
C PRO A 209 -21.97 -21.26 -0.56
N VAL A 210 -21.92 -20.40 0.44
CA VAL A 210 -21.95 -20.83 1.83
C VAL A 210 -23.05 -20.10 2.59
N GLN A 211 -24.15 -19.80 1.90
CA GLN A 211 -25.26 -19.08 2.54
C GLN A 211 -25.85 -19.89 3.68
N ALA A 212 -25.97 -21.21 3.49
CA ALA A 212 -26.58 -22.04 4.53
C ALA A 212 -25.74 -22.02 5.80
N TYR A 213 -24.42 -22.04 5.67
CA TYR A 213 -23.52 -22.15 6.80
C TYR A 213 -23.22 -20.79 7.45
N CYS A 214 -24.01 -19.77 7.14
CA CYS A 214 -23.72 -18.40 7.54
C CYS A 214 -24.75 -17.92 8.55
N GLN A 215 -24.30 -17.65 9.77
CA GLN A 215 -25.19 -17.20 10.84
C GLN A 215 -25.76 -15.82 10.55
N ALA A 216 -24.95 -14.92 10.00
CA ALA A 216 -25.39 -13.54 9.80
C ALA A 216 -26.53 -13.46 8.79
N PHE A 217 -26.43 -14.23 7.71
CA PHE A 217 -27.50 -14.25 6.71
C PHE A 217 -28.79 -14.79 7.30
N ALA A 218 -28.69 -15.91 8.02
CA ALA A 218 -29.82 -16.44 8.77
C ALA A 218 -30.51 -15.35 9.60
N GLU A 219 -29.73 -14.64 10.40
CA GLU A 219 -30.27 -13.61 11.27
C GLU A 219 -30.59 -12.31 10.54
N GLY A 220 -30.20 -12.19 9.27
CA GLY A 220 -30.57 -11.02 8.48
C GLY A 220 -29.79 -9.77 8.81
N VAL A 221 -28.52 -9.90 9.19
CA VAL A 221 -27.74 -8.75 9.66
C VAL A 221 -26.38 -8.68 8.99
N ALA A 222 -26.20 -9.41 7.89
CA ALA A 222 -24.93 -9.36 7.18
C ALA A 222 -24.62 -7.93 6.73
N GLU A 223 -25.65 -7.16 6.36
CA GLU A 223 -25.45 -5.77 5.99
C GLU A 223 -25.04 -4.90 7.17
N GLU A 224 -25.11 -5.41 8.40
CA GLU A 224 -24.76 -4.66 9.60
C GLU A 224 -23.43 -5.09 10.18
N LEU A 225 -22.64 -5.87 9.44
CA LEU A 225 -21.33 -6.34 9.84
C LEU A 225 -20.33 -5.97 8.74
N PRO A 226 -19.03 -5.90 9.05
CA PRO A 226 -18.36 -6.19 10.33
C PRO A 226 -18.44 -5.02 11.29
N VAL A 227 -18.02 -5.22 12.54
CA VAL A 227 -18.04 -4.18 13.56
C VAL A 227 -16.69 -3.50 13.59
N LYS A 228 -16.68 -2.17 13.43
CA LYS A 228 -15.44 -1.41 13.37
C LYS A 228 -15.70 0.01 13.86
N MET A 229 -14.76 0.54 14.64
CA MET A 229 -14.90 1.89 15.18
C MET A 229 -14.71 2.93 14.08
N LYS A 230 -15.46 4.02 14.16
CA LYS A 230 -15.32 5.10 13.20
C LYS A 230 -13.93 5.71 13.29
N LYS A 231 -13.33 5.98 12.14
CA LYS A 231 -11.96 6.46 12.11
C LYS A 231 -11.85 7.85 12.76
N THR A 232 -10.78 8.04 13.52
CA THR A 232 -10.54 9.34 14.14
C THR A 232 -10.38 10.40 13.06
N ALA A 233 -10.96 11.58 13.31
CA ALA A 233 -10.85 12.68 12.36
C ALA A 233 -9.38 13.08 12.20
N VAL A 234 -9.04 13.51 11.00
CA VAL A 234 -7.65 13.74 10.63
C VAL A 234 -7.29 15.19 10.86
N LYS A 235 -6.02 15.43 11.15
CA LYS A 235 -5.51 16.79 11.30
C LYS A 235 -5.39 17.47 9.95
N GLN A 236 -5.45 18.80 9.97
CA GLN A 236 -5.24 19.62 8.78
C GLN A 236 -3.92 20.36 8.92
N VAL A 237 -3.09 20.29 7.89
CA VAL A 237 -1.72 20.77 7.95
C VAL A 237 -1.45 21.70 6.78
N PRO A 238 -1.46 23.02 6.98
CA PRO A 238 -1.06 23.91 5.89
C PRO A 238 0.36 23.67 5.45
N LEU A 239 0.59 23.70 4.14
CA LEU A 239 1.90 23.44 3.57
C LEU A 239 2.19 24.50 2.51
N ALA A 240 3.34 25.14 2.62
CA ALA A 240 3.80 26.11 1.65
C ALA A 240 4.86 25.45 0.77
N VAL A 241 4.70 25.55 -0.54
CA VAL A 241 5.52 24.81 -1.50
C VAL A 241 6.21 25.81 -2.42
N ALA A 242 7.50 25.61 -2.63
CA ALA A 242 8.31 26.49 -3.46
C ALA A 242 8.68 25.77 -4.75
N VAL A 243 8.32 26.38 -5.89
CA VAL A 243 8.78 25.94 -7.20
C VAL A 243 9.76 27.01 -7.67
N LEU A 244 11.03 26.65 -7.82
CA LEU A 244 12.10 27.59 -8.08
C LEU A 244 12.83 27.21 -9.36
N ALA A 245 13.02 28.19 -10.26
CA ALA A 245 13.69 27.96 -11.52
C ALA A 245 14.80 28.99 -11.72
N ASP A 246 15.92 28.54 -12.31
CA ASP A 246 17.03 29.42 -12.67
C ASP A 246 16.91 29.81 -14.14
N ASP A 247 17.92 30.54 -14.64
CA ASP A 247 17.86 31.03 -16.01
C ASP A 247 17.74 29.89 -17.01
N GLU A 248 18.41 28.77 -16.74
CA GLU A 248 18.45 27.64 -17.66
C GLU A 248 17.26 26.70 -17.50
N GLY A 249 16.27 27.08 -16.70
CA GLY A 249 15.10 26.26 -16.52
C GLY A 249 15.26 25.07 -15.60
N ARG A 250 16.36 24.99 -14.87
CA ARG A 250 16.53 23.93 -13.89
C ARG A 250 15.72 24.26 -12.64
N VAL A 251 15.27 23.21 -11.95
CA VAL A 251 14.28 23.32 -10.89
C VAL A 251 14.86 22.76 -9.60
N LEU A 252 14.62 23.46 -8.50
CA LEU A 252 15.12 23.02 -7.20
C LEU A 252 14.16 22.00 -6.60
N ILE A 253 14.66 20.80 -6.32
CA ILE A 253 13.92 19.73 -5.68
C ILE A 253 14.78 19.20 -4.54
N ARG A 254 14.14 18.56 -3.56
CA ARG A 254 14.85 18.03 -2.41
C ARG A 254 14.27 16.68 -2.00
N LYS A 255 15.15 15.82 -1.50
CA LYS A 255 14.76 14.50 -1.02
C LYS A 255 14.36 14.60 0.45
N ARG A 256 13.17 14.08 0.76
CA ARG A 256 12.71 14.06 2.13
C ARG A 256 13.48 13.03 2.95
N ASP A 257 13.47 13.23 4.26
CA ASP A 257 14.20 12.34 5.16
C ASP A 257 13.63 10.92 5.07
N SER A 258 14.48 9.95 5.41
CA SER A 258 14.13 8.53 5.30
C SER A 258 13.26 8.05 6.45
N THR A 259 12.90 8.93 7.38
CA THR A 259 12.05 8.58 8.51
C THR A 259 10.79 9.44 8.46
N GLY A 260 9.63 8.80 8.55
CA GLY A 260 8.39 9.54 8.63
C GLY A 260 7.64 9.66 7.32
N LEU A 261 6.92 10.76 7.18
CA LEU A 261 6.02 10.94 6.04
C LEU A 261 6.79 10.94 4.73
N LEU A 262 6.22 10.27 3.73
CA LEU A 262 6.76 10.21 2.37
C LEU A 262 8.28 10.10 2.40
N ALA A 263 8.74 9.04 3.06
CA ALA A 263 10.17 8.89 3.32
C ALA A 263 10.93 8.61 2.02
N ASN A 264 12.02 9.34 1.82
CA ASN A 264 12.92 9.22 0.68
C ASN A 264 12.28 9.65 -0.63
N LEU A 265 11.08 10.23 -0.59
CA LEU A 265 10.47 10.80 -1.77
C LEU A 265 11.07 12.18 -2.03
N TRP A 266 11.21 12.52 -3.31
CA TRP A 266 11.62 13.87 -3.69
C TRP A 266 10.41 14.81 -3.69
N GLU A 267 10.67 16.08 -3.36
CA GLU A 267 9.60 17.06 -3.25
C GLU A 267 10.14 18.44 -3.62
N PHE A 268 9.22 19.32 -4.01
CA PHE A 268 9.55 20.74 -4.10
C PHE A 268 9.57 21.33 -2.69
N PRO A 269 10.59 22.12 -2.33
CA PRO A 269 10.79 22.46 -0.91
C PRO A 269 9.55 23.07 -0.27
N SER A 270 9.30 22.68 0.99
CA SER A 270 8.06 23.04 1.67
C SER A 270 8.32 23.26 3.15
N CYS A 271 7.40 24.01 3.76
CA CYS A 271 7.37 24.24 5.20
C CYS A 271 5.94 24.12 5.68
N GLU A 272 5.76 23.55 6.88
CA GLU A 272 4.43 23.45 7.48
C GLU A 272 4.13 24.78 8.18
N THR A 273 3.71 25.75 7.38
CA THR A 273 3.49 27.13 7.82
C THR A 273 2.09 27.25 8.39
N ASP A 274 1.97 27.18 9.71
CA ASP A 274 0.67 27.22 10.35
C ASP A 274 0.21 28.66 10.59
N ASP A 277 1.76 33.04 7.09
CA ASP A 277 2.84 33.79 6.47
C ASP A 277 3.70 32.88 5.60
N GLY A 278 3.08 32.30 4.57
CA GLY A 278 3.76 31.26 3.81
C GLY A 278 4.97 31.76 3.04
N LYS A 279 4.79 32.83 2.26
CA LYS A 279 5.89 33.29 1.41
C LYS A 279 7.11 33.66 2.23
N GLU A 280 6.90 34.33 3.37
CA GLU A 280 8.02 34.68 4.23
C GLU A 280 8.64 33.43 4.85
N LYS A 281 7.81 32.52 5.37
CA LYS A 281 8.33 31.33 6.02
C LYS A 281 9.07 30.43 5.03
N LEU A 282 8.55 30.30 3.81
CA LEU A 282 9.31 29.61 2.77
C LEU A 282 10.65 30.31 2.54
N GLU A 283 10.63 31.64 2.45
CA GLU A 283 11.84 32.39 2.13
C GLU A 283 12.86 32.34 3.26
N GLN A 284 12.42 32.12 4.51
CA GLN A 284 13.38 31.97 5.60
C GLN A 284 14.10 30.63 5.52
N MET A 285 13.35 29.55 5.25
CA MET A 285 13.93 28.21 5.18
C MET A 285 15.07 28.15 4.17
N VAL A 286 14.87 28.76 3.00
CA VAL A 286 15.80 28.58 1.89
C VAL A 286 17.17 29.18 2.22
N GLY A 287 17.22 30.24 3.02
CA GLY A 287 18.49 30.90 3.28
C GLY A 287 19.57 29.96 3.77
N GLU A 288 19.20 29.06 4.68
CA GLU A 288 20.16 28.09 5.22
C GLU A 288 20.72 27.20 4.12
N GLN A 293 19.76 31.57 -2.20
CA GLN A 293 19.48 32.98 -2.44
C GLN A 293 18.45 33.14 -3.56
N VAL A 294 17.21 33.48 -3.20
CA VAL A 294 16.12 33.56 -4.17
C VAL A 294 14.97 34.34 -3.56
N GLU A 295 14.05 34.81 -4.42
CA GLU A 295 12.86 35.55 -3.99
C GLU A 295 11.62 35.01 -4.70
N LEU A 296 10.49 35.04 -3.99
CA LEU A 296 9.25 34.40 -4.42
C LEU A 296 8.20 35.42 -4.85
N THR A 297 7.26 34.96 -5.68
CA THR A 297 6.13 35.76 -6.13
C THR A 297 4.88 35.40 -5.30
N GLU A 298 3.75 36.00 -5.67
CA GLU A 298 2.49 35.71 -5.02
C GLU A 298 2.00 34.31 -5.41
N PRO A 299 1.10 33.73 -4.60
CA PRO A 299 0.69 32.35 -4.86
C PRO A 299 -0.07 32.22 -6.18
N ILE A 300 -0.01 31.01 -6.75
CA ILE A 300 -0.69 30.73 -8.01
C ILE A 300 -1.86 29.75 -7.84
N VAL A 301 -1.85 28.91 -6.81
CA VAL A 301 -2.94 27.96 -6.61
C VAL A 301 -2.90 27.47 -5.16
N SER A 302 -4.06 27.06 -4.65
CA SER A 302 -4.16 26.35 -3.38
C SER A 302 -5.10 25.18 -3.55
N PHE A 303 -4.62 23.98 -3.19
CA PHE A 303 -5.41 22.75 -3.31
C PHE A 303 -5.14 21.87 -2.09
N GLU A 304 -6.05 20.92 -1.86
CA GLU A 304 -5.92 19.96 -0.77
C GLU A 304 -5.43 18.61 -1.30
N HIS A 305 -4.87 17.82 -0.38
CA HIS A 305 -4.44 16.46 -0.67
C HIS A 305 -4.56 15.64 0.61
N ALA A 306 -5.27 14.51 0.52
CA ALA A 306 -5.61 13.73 1.71
C ALA A 306 -4.61 12.62 1.97
N PHE A 307 -4.24 12.48 3.24
CA PHE A 307 -3.56 11.31 3.78
C PHE A 307 -4.55 10.53 4.64
N SER A 308 -4.13 9.36 5.11
CA SER A 308 -4.98 8.58 6.00
C SER A 308 -5.22 9.32 7.31
N HIS A 309 -4.19 10.01 7.81
CA HIS A 309 -4.19 10.56 9.15
C HIS A 309 -4.08 12.08 9.18
N LEU A 310 -4.03 12.74 8.03
CA LEU A 310 -3.97 14.19 7.98
C LEU A 310 -4.29 14.65 6.57
N VAL A 311 -4.50 15.95 6.42
CA VAL A 311 -4.82 16.57 5.14
C VAL A 311 -3.87 17.73 4.93
N TRP A 312 -3.13 17.71 3.83
CA TRP A 312 -2.30 18.84 3.46
C TRP A 312 -3.14 19.91 2.80
N GLN A 313 -2.88 21.16 3.15
CA GLN A 313 -3.48 22.31 2.49
C GLN A 313 -2.34 23.10 1.87
N LEU A 314 -2.10 22.84 0.59
CA LEU A 314 -0.93 23.32 -0.11
C LEU A 314 -1.20 24.66 -0.78
N THR A 315 -0.14 25.46 -0.92
CA THR A 315 -0.18 26.71 -1.66
C THR A 315 1.14 26.84 -2.40
N VAL A 316 1.07 26.98 -3.72
CA VAL A 316 2.26 26.97 -4.56
C VAL A 316 2.69 28.39 -4.82
N PHE A 317 3.99 28.65 -4.66
CA PHE A 317 4.58 29.96 -4.88
C PHE A 317 5.66 29.86 -5.94
N PRO A 318 5.50 30.50 -7.10
CA PRO A 318 6.61 30.55 -8.06
C PRO A 318 7.76 31.39 -7.52
N GLY A 319 8.95 31.14 -8.06
CA GLY A 319 10.12 31.88 -7.62
C GLY A 319 11.28 31.70 -8.56
N ARG A 320 12.19 32.68 -8.52
CA ARG A 320 13.41 32.68 -9.30
C ARG A 320 14.59 32.27 -8.42
N LEU A 321 15.56 31.60 -9.04
CA LEU A 321 16.69 31.03 -8.32
C LEU A 321 17.98 31.67 -8.83
N VAL A 322 18.71 32.34 -7.94
CA VAL A 322 20.01 32.92 -8.24
C VAL A 322 21.06 32.09 -7.50
N HIS A 323 22.02 31.56 -8.25
CA HIS A 323 23.01 30.65 -7.69
C HIS A 323 24.11 31.44 -6.99
N GLY A 324 24.13 31.39 -5.66
CA GLY A 324 25.20 31.94 -4.88
C GLY A 324 26.09 30.91 -4.22
N GLY A 325 25.94 29.64 -4.55
CA GLY A 325 26.78 28.60 -3.99
C GLY A 325 26.42 27.26 -4.58
N PRO A 326 27.11 26.20 -4.13
CA PRO A 326 26.73 24.85 -4.56
C PRO A 326 25.41 24.43 -3.93
N VAL A 327 24.58 23.75 -4.72
CA VAL A 327 23.30 23.25 -4.23
C VAL A 327 23.57 21.99 -3.42
N GLU A 328 23.71 22.13 -2.11
CA GLU A 328 24.13 21.03 -1.26
C GLU A 328 22.93 20.16 -0.86
N GLU A 329 23.25 18.93 -0.45
CA GLU A 329 22.21 17.98 -0.06
C GLU A 329 21.45 18.50 1.16
N PRO A 330 20.16 18.15 1.29
CA PRO A 330 19.38 17.19 0.51
C PRO A 330 18.87 17.75 -0.82
N TYR A 331 19.04 19.05 -1.05
CA TYR A 331 18.55 19.67 -2.27
C TYR A 331 19.37 19.21 -3.47
N ARG A 332 18.75 19.31 -4.65
CA ARG A 332 19.42 19.00 -5.90
C ARG A 332 18.84 19.89 -6.99
N LEU A 333 19.68 20.25 -7.95
CA LEU A 333 19.26 21.06 -9.09
C LEU A 333 18.88 20.11 -10.23
N ALA A 334 17.63 20.19 -10.67
CA ALA A 334 17.09 19.25 -11.65
C ALA A 334 16.60 20.02 -12.88
N PRO A 335 17.15 19.76 -14.07
CA PRO A 335 16.54 20.29 -15.28
C PRO A 335 15.11 19.79 -15.42
N GLU A 336 14.27 20.62 -16.04
CA GLU A 336 12.89 20.20 -16.32
C GLU A 336 12.88 18.86 -17.04
N ASP A 337 13.85 18.63 -17.94
CA ASP A 337 13.91 17.39 -18.69
C ASP A 337 14.23 16.19 -17.82
N GLU A 338 14.78 16.39 -16.61
CA GLU A 338 15.18 15.28 -15.75
C GLU A 338 14.21 15.02 -14.61
N LEU A 339 13.24 15.91 -14.36
CA LEU A 339 12.32 15.70 -13.24
C LEU A 339 11.54 14.40 -13.40
N LYS A 340 11.29 13.96 -14.63
CA LYS A 340 10.51 12.74 -14.84
C LYS A 340 11.16 11.53 -14.19
N ALA A 341 12.46 11.59 -13.91
CA ALA A 341 13.16 10.44 -13.35
C ALA A 341 12.94 10.27 -11.86
N TYR A 342 12.75 11.37 -11.12
CA TYR A 342 12.63 11.27 -9.67
C TYR A 342 11.22 10.84 -9.28
N ALA A 343 11.11 10.26 -8.08
CA ALA A 343 9.84 9.81 -7.53
C ALA A 343 9.28 10.89 -6.61
N PHE A 344 8.16 11.48 -7.01
CA PHE A 344 7.47 12.49 -6.23
C PHE A 344 6.16 11.93 -5.67
N PRO A 345 5.71 12.43 -4.51
CA PRO A 345 4.36 12.09 -4.07
C PRO A 345 3.32 12.73 -4.97
N VAL A 346 2.12 12.15 -4.97
CA VAL A 346 1.05 12.68 -5.81
C VAL A 346 0.80 14.15 -5.49
N SER A 347 0.91 14.52 -4.22
CA SER A 347 0.72 15.91 -3.83
C SER A 347 1.62 16.83 -4.64
N HIS A 348 2.93 16.54 -4.65
CA HIS A 348 3.87 17.38 -5.36
C HIS A 348 3.89 17.11 -6.87
N GLN A 349 3.34 15.97 -7.31
CA GLN A 349 3.06 15.81 -8.72
C GLN A 349 1.98 16.77 -9.19
N ARG A 350 1.02 17.06 -8.32
CA ARG A 350 0.01 18.06 -8.64
C ARG A 350 0.55 19.48 -8.50
N VAL A 351 1.49 19.71 -7.58
CA VAL A 351 2.13 21.02 -7.50
C VAL A 351 2.75 21.35 -8.87
N TRP A 352 3.47 20.40 -9.45
CA TRP A 352 4.12 20.65 -10.73
C TRP A 352 3.09 20.85 -11.84
N ARG A 353 2.03 20.03 -11.86
CA ARG A 353 1.03 20.18 -12.92
C ARG A 353 0.43 21.57 -12.91
N GLU A 354 0.04 22.05 -11.72
CA GLU A 354 -0.56 23.38 -11.63
C GLU A 354 0.47 24.47 -11.94
N TYR A 355 1.74 24.23 -11.62
CA TYR A 355 2.78 25.21 -11.94
C TYR A 355 2.94 25.37 -13.44
N LYS A 356 3.03 24.26 -14.18
CA LYS A 356 3.22 24.35 -15.62
C LYS A 356 1.99 24.92 -16.31
N GLU A 357 0.79 24.62 -15.80
CA GLU A 357 -0.42 25.19 -16.37
C GLU A 357 -0.42 26.72 -16.24
N TRP A 358 0.00 27.22 -15.07
CA TRP A 358 0.11 28.66 -14.87
C TRP A 358 1.13 29.27 -15.82
N ALA A 359 2.25 28.58 -16.03
CA ALA A 359 3.25 29.09 -16.98
C ALA A 359 2.65 29.31 -18.35
N SER A 360 1.65 28.51 -18.73
CA SER A 360 0.97 28.65 -20.01
C SER A 360 0.01 29.84 -19.99
P 8OG B 6 3.59 7.48 3.70
OP1 8OG B 6 4.32 6.62 2.75
OP2 8OG B 6 4.03 8.89 3.89
O5' 8OG B 6 2.05 7.48 3.29
C5' 8OG B 6 1.48 8.57 2.54
C4' 8OG B 6 1.25 8.12 1.13
O4' 8OG B 6 0.40 6.95 1.15
C3' 8OG B 6 0.53 9.13 0.23
O3' 8OG B 6 1.08 8.99 -1.08
C2' 8OG B 6 -0.93 8.71 0.32
C1' 8OG B 6 -0.82 7.20 0.48
N9 8OG B 6 -1.89 6.56 1.25
C8 8OG B 6 -2.53 7.06 2.36
N7 8OG B 6 -3.45 6.17 2.85
C5 8OG B 6 -3.36 5.07 2.03
C6 8OG B 6 -4.06 3.85 2.05
O6 8OG B 6 -4.94 3.48 2.83
N1 8OG B 6 -3.65 3.01 1.02
C2 8OG B 6 -2.69 3.31 0.08
N2 8OG B 6 -2.44 2.36 -0.83
N3 8OG B 6 -2.02 4.45 0.05
C4 8OG B 6 -2.40 5.28 1.04
O8 8OG B 6 -2.32 8.17 2.85
H5' 8OG B 6 2.15 9.42 2.56
H5'' 8OG B 6 0.53 8.87 3.00
H4' 8OG B 6 2.20 7.88 0.66
H3' 8OG B 6 0.61 10.16 0.59
H2' 8OG B 6 -1.48 8.99 -0.59
H2'' 8OG B 6 -1.42 9.17 1.17
H1' 8OG B 6 -0.82 6.77 -0.53
H7 8OG B 6 -4.08 6.29 3.66
H1 8OG B 6 -4.11 2.09 0.95
H21 8OG B 6 -1.74 2.51 -1.54
H22 8OG B 6 -2.95 1.49 -0.81
P AAB C 7 -8.97 -5.91 -2.47
O1P AAB C 7 -9.82 -6.65 -1.50
O3P AAB C 7 -9.29 -5.97 -3.93
O5' AAB C 7 -7.46 -6.40 -2.29
C5' AAB C 7 -6.62 -5.86 -1.25
C4' AAB C 7 -6.92 -6.51 0.09
O4' AAB C 7 -7.17 -7.91 -0.15
C1' AAB C 7 -6.00 -8.67 0.15
O1' AAB C 7 -5.52 -9.30 -1.03
C2' AAB C 7 -4.97 -7.70 0.71
C3' AAB C 7 -5.76 -6.47 1.07
O3' AAB C 7 -6.22 -6.61 2.43
O3' AAB C 7 -6.10 -5.36 8.08
H5'1 AAB C 7 -6.78 -4.78 -1.17
H5'2 AAB C 7 -5.57 -6.03 -1.51
H4' AAB C 7 -7.79 -6.02 0.55
H1' AAB C 7 -6.23 -9.40 0.92
HO1' AAB C 7 -5.80 -10.36 -1.02
H2'1 AAB C 7 -4.48 -8.13 1.60
H2'2 AAB C 7 -4.19 -7.48 -0.02
H3' AAB C 7 -5.19 -5.53 0.91
FE1 SF4 D . -22.29 -15.22 1.92
FE2 SF4 D . -24.04 -13.33 2.84
FE3 SF4 D . -21.37 -13.07 3.33
FE4 SF4 D . -22.81 -15.01 4.60
S1 SF4 D . -23.07 -12.76 4.81
S2 SF4 D . -20.77 -15.25 3.63
S3 SF4 D . -24.29 -15.59 2.97
S4 SF4 D . -22.39 -13.03 1.30
C ACT E . -1.87 15.73 -10.46
O ACT E . -2.93 16.32 -10.14
OXT ACT E . -1.05 16.00 -11.39
CH3 ACT E . -1.51 14.48 -9.58
H1 ACT E . -1.30 14.77 -8.69
H2 ACT E . -0.76 14.02 -9.97
H3 ACT E . -2.28 13.88 -9.55
NA NA F . 7.87 -8.83 10.75
#